data_5MTV
#
_entry.id   5MTV
#
_cell.length_a   199.973
_cell.length_b   199.973
_cell.length_c   41.537
_cell.angle_alpha   90.00
_cell.angle_beta   90.00
_cell.angle_gamma   90.00
#
_symmetry.space_group_name_H-M   'P 42 21 2'
#
loop_
_entity.id
_entity.type
_entity.pdbx_description
1 polymer 'EH domain-containing protein 4'
2 non-polymer 'PHOSPHOTHIOPHOSPHORIC ACID-ADENYLATE ESTER'
3 non-polymer 'MAGNESIUM ION'
4 water water
#
_entity_poly.entity_id   1
_entity_poly.type   'polypeptide(L)'
_entity_poly.pdbx_seq_one_letter_code
;GGSQTVTGGLRSLYQRKVLPLEEAYRFHEFHSPALEDADFENKPMILLVGQYSTGKTTFIRYLLEQDFPGMRIGPEPTTD
SFIAVMYGETEGSTPGNALVVDPKKPFRKLSRFGNAFLNRFMCSQLPNQVLKSISIIDSPGILSGEKQRISRGYDFCQVL
QWFAERVDRIILLFDAHKLDISDEFSEAIKAFRGQDDKIRVVLNKADQVDTQQLMRVYGALMWSLGKVINTPEVLRVYIG
SFWAQPLQNTDNRRLFEAEAQDLFRDIQSLPQKAAVRKLNDLIKRARLAKVHAYIISYLKKEMPNMFGKENKKRELIYRL
PEIYVQLQREYQISAGDFPEVKAMQEQLENYDFTKFHSLKPKLIEAVDNMLTNKISSLMGLISQEEMNMPTQMVQGGAFD
GTTEGPFNQGYGEGAKEGADEEEWVVAKDKPVYDELFYTLSPINGKISGVNAKKEMVTSKLPNSVLGKIWKLADCDCDGM
LDEEEFALAKHLIKIKLDGYELPNSLPPHLVPPSHRKSLPKAD
;
_entity_poly.pdbx_strand_id   A
#
loop_
_chem_comp.id
_chem_comp.type
_chem_comp.name
_chem_comp.formula
AGS non-polymer 'PHOSPHOTHIOPHOSPHORIC ACID-ADENYLATE ESTER' 'C10 H16 N5 O12 P3 S'
MG non-polymer 'MAGNESIUM ION' 'Mg 2'
#
# COMPACT_ATOMS: atom_id res chain seq x y z
N GLY A 1 -1.25 12.94 -11.28
CA GLY A 1 -1.84 13.89 -12.21
C GLY A 1 -3.17 13.40 -12.75
N GLY A 2 -3.12 12.76 -13.93
CA GLY A 2 -4.32 12.17 -14.49
C GLY A 2 -4.95 11.10 -13.64
N SER A 3 -4.17 10.50 -12.73
CA SER A 3 -4.71 9.50 -11.81
C SER A 3 -5.79 10.09 -10.92
N GLN A 4 -5.87 11.43 -10.82
CA GLN A 4 -6.92 12.05 -10.04
C GLN A 4 -8.30 11.78 -10.65
N THR A 5 -8.37 11.59 -11.96
CA THR A 5 -9.63 11.20 -12.59
C THR A 5 -10.04 9.81 -12.15
N VAL A 6 -9.07 8.91 -11.98
CA VAL A 6 -9.38 7.55 -11.53
C VAL A 6 -9.85 7.57 -10.08
N THR A 7 -9.13 8.32 -9.23
CA THR A 7 -9.53 8.45 -7.83
C THR A 7 -10.95 9.00 -7.71
N GLY A 8 -11.28 10.03 -8.49
CA GLY A 8 -12.63 10.56 -8.48
C GLY A 8 -13.65 9.62 -9.06
N GLY A 9 -13.22 8.75 -9.99
CA GLY A 9 -14.14 7.80 -10.57
C GLY A 9 -14.56 6.73 -9.57
N LEU A 10 -13.62 6.28 -8.73
CA LEU A 10 -13.94 5.30 -7.71
C LEU A 10 -14.83 5.91 -6.63
N ARG A 11 -14.46 7.09 -6.14
CA ARG A 11 -15.27 7.78 -5.14
C ARG A 11 -16.70 7.94 -5.62
N SER A 12 -16.87 8.44 -6.85
CA SER A 12 -18.20 8.64 -7.40
C SER A 12 -18.97 7.32 -7.49
N LEU A 13 -18.34 6.30 -8.07
CA LEU A 13 -19.00 5.01 -8.23
C LEU A 13 -19.35 4.40 -6.88
N TYR A 14 -18.52 4.62 -5.86
CA TYR A 14 -18.81 4.06 -4.55
C TYR A 14 -19.99 4.79 -3.90
N GLN A 15 -19.95 6.12 -3.87
CA GLN A 15 -20.98 6.88 -3.18
C GLN A 15 -22.34 6.76 -3.85
N ARG A 16 -22.36 6.62 -5.18
CA ARG A 16 -23.64 6.54 -5.89
C ARG A 16 -24.22 5.14 -5.89
N LYS A 17 -23.38 4.13 -6.11
CA LYS A 17 -23.85 2.77 -6.37
C LYS A 17 -23.70 1.84 -5.16
N VAL A 18 -22.61 1.94 -4.41
CA VAL A 18 -22.30 0.97 -3.35
C VAL A 18 -22.76 1.46 -2.00
N LEU A 19 -22.42 2.70 -1.65
CA LEU A 19 -22.74 3.21 -0.31
C LEU A 19 -24.22 3.12 0.02
N PRO A 20 -25.15 3.39 -0.91
CA PRO A 20 -26.57 3.23 -0.56
C PRO A 20 -26.93 1.83 -0.13
N LEU A 21 -26.37 0.81 -0.80
CA LEU A 21 -26.67 -0.57 -0.44
C LEU A 21 -26.01 -0.96 0.88
N GLU A 22 -24.86 -0.36 1.20
CA GLU A 22 -24.25 -0.59 2.51
C GLU A 22 -25.10 0.01 3.62
N GLU A 23 -25.53 1.27 3.45
CA GLU A 23 -26.28 1.94 4.50
C GLU A 23 -27.63 1.27 4.75
N ALA A 24 -28.32 0.86 3.68
CA ALA A 24 -29.66 0.32 3.82
C ALA A 24 -29.72 -0.90 4.71
N TYR A 25 -28.61 -1.63 4.86
CA TYR A 25 -28.61 -2.88 5.60
C TYR A 25 -27.57 -2.91 6.72
N ARG A 26 -27.11 -1.73 7.16
CA ARG A 26 -26.20 -1.63 8.29
C ARG A 26 -24.91 -2.40 8.04
N PHE A 27 -24.45 -2.37 6.79
CA PHE A 27 -23.16 -2.96 6.45
C PHE A 27 -22.07 -2.48 7.39
N HIS A 28 -22.11 -1.21 7.77
CA HIS A 28 -21.03 -0.58 8.51
C HIS A 28 -20.98 -1.02 9.98
N GLU A 29 -22.00 -1.70 10.48
CA GLU A 29 -22.01 -2.21 11.84
C GLU A 29 -21.59 -3.67 11.92
N PHE A 30 -21.50 -4.36 10.78
CA PHE A 30 -21.11 -5.76 10.73
C PHE A 30 -19.68 -5.97 10.25
N HIS A 31 -19.31 -5.33 9.14
CA HIS A 31 -18.09 -5.68 8.41
C HIS A 31 -17.08 -4.54 8.43
N SER A 32 -17.37 -3.42 7.78
CA SER A 32 -16.39 -2.35 7.67
C SER A 32 -17.09 -1.00 7.61
N PRO A 33 -16.51 0.04 8.19
CA PRO A 33 -17.14 1.36 8.16
C PRO A 33 -17.17 1.94 6.76
N ALA A 34 -17.88 3.06 6.63
CA ALA A 34 -17.99 3.74 5.35
C ALA A 34 -16.62 4.24 4.90
N LEU A 35 -16.38 4.16 3.59
CA LEU A 35 -15.11 4.62 3.04
C LEU A 35 -15.08 6.16 3.02
N GLU A 36 -14.02 6.72 3.57
CA GLU A 36 -13.78 8.15 3.49
C GLU A 36 -13.02 8.48 2.21
N ASP A 37 -12.95 9.77 1.90
CA ASP A 37 -12.18 10.21 0.73
C ASP A 37 -10.70 9.91 0.89
N ALA A 38 -10.23 9.69 2.12
CA ALA A 38 -8.83 9.33 2.33
C ALA A 38 -8.54 7.92 1.84
N ASP A 39 -9.55 7.06 1.80
CA ASP A 39 -9.38 5.70 1.30
C ASP A 39 -9.28 5.64 -0.21
N PHE A 40 -9.46 6.77 -0.91
CA PHE A 40 -9.38 6.81 -2.36
C PHE A 40 -8.19 7.61 -2.88
N GLU A 41 -7.69 8.57 -2.10
CA GLU A 41 -6.62 9.47 -2.55
C GLU A 41 -5.24 9.00 -2.11
N ASN A 42 -5.11 7.78 -1.59
CA ASN A 42 -3.82 7.28 -1.15
C ASN A 42 -2.88 7.13 -2.33
N LYS A 43 -1.72 7.77 -2.25
CA LYS A 43 -0.67 7.58 -3.25
C LYS A 43 0.26 6.44 -2.84
N PRO A 44 0.85 5.71 -3.78
CA PRO A 44 1.79 4.66 -3.40
C PRO A 44 3.07 5.24 -2.80
N MET A 45 3.63 4.52 -1.84
CA MET A 45 4.84 4.93 -1.16
C MET A 45 5.99 3.98 -1.48
N ILE A 46 7.20 4.53 -1.51
CA ILE A 46 8.42 3.75 -1.71
C ILE A 46 9.28 3.92 -0.47
N LEU A 47 9.78 2.81 0.06
CA LEU A 47 10.72 2.82 1.18
C LEU A 47 12.13 2.59 0.65
N LEU A 48 13.04 3.47 1.00
CA LEU A 48 14.45 3.31 0.67
C LEU A 48 15.18 2.77 1.89
N VAL A 49 15.77 1.59 1.75
CA VAL A 49 16.58 0.97 2.78
C VAL A 49 17.99 0.81 2.23
N GLY A 50 18.98 1.09 3.07
CA GLY A 50 20.35 0.95 2.64
C GLY A 50 21.31 1.45 3.71
N GLN A 51 22.58 1.12 3.49
CA GLN A 51 23.63 1.49 4.43
C GLN A 51 24.06 2.93 4.19
N TYR A 52 24.88 3.43 5.12
CA TYR A 52 25.32 4.81 5.07
C TYR A 52 26.13 5.09 3.81
N SER A 53 25.97 6.29 3.28
CA SER A 53 26.78 6.79 2.16
C SER A 53 26.62 5.93 0.91
N THR A 54 25.47 5.27 0.75
CA THR A 54 25.21 4.51 -0.48
C THR A 54 24.60 5.36 -1.57
N GLY A 55 23.78 6.36 -1.21
CA GLY A 55 23.22 7.26 -2.19
C GLY A 55 21.71 7.37 -2.15
N LYS A 56 21.10 7.01 -1.02
CA LYS A 56 19.65 7.10 -0.91
C LYS A 56 19.16 8.52 -1.13
N THR A 57 19.72 9.46 -0.38
CA THR A 57 19.29 10.85 -0.44
C THR A 57 19.55 11.45 -1.81
N THR A 58 20.69 11.12 -2.43
CA THR A 58 20.96 11.58 -3.79
C THR A 58 20.06 10.89 -4.80
N PHE A 59 19.78 9.61 -4.58
CA PHE A 59 18.82 8.87 -5.41
C PHE A 59 17.50 9.61 -5.49
N ILE A 60 16.96 10.04 -4.35
CA ILE A 60 15.71 10.79 -4.33
C ILE A 60 15.87 12.07 -5.14
N ARG A 61 16.91 12.85 -4.84
CA ARG A 61 17.18 14.08 -5.60
C ARG A 61 17.20 13.80 -7.09
N TYR A 62 17.84 12.70 -7.49
CA TYR A 62 17.91 12.34 -8.90
C TYR A 62 16.53 12.14 -9.50
N LEU A 63 15.64 11.44 -8.78
CA LEU A 63 14.30 11.20 -9.28
C LEU A 63 13.49 12.49 -9.34
N LEU A 64 13.51 13.26 -8.25
CA LEU A 64 12.79 14.53 -8.24
C LEU A 64 13.41 15.55 -9.17
N GLU A 65 14.69 15.40 -9.51
CA GLU A 65 15.41 16.40 -10.29
C GLU A 65 15.32 17.76 -9.60
N GLN A 66 15.34 17.76 -8.28
CA GLN A 66 15.06 18.94 -7.49
C GLN A 66 15.33 18.61 -6.02
N ASP A 67 15.82 19.60 -5.28
CA ASP A 67 16.09 19.42 -3.87
C ASP A 67 14.79 19.36 -3.08
N PHE A 68 14.87 18.80 -1.87
CA PHE A 68 13.73 18.80 -0.98
C PHE A 68 14.17 19.28 0.40
N PRO A 69 13.24 19.85 1.18
CA PRO A 69 13.63 20.45 2.47
C PRO A 69 14.27 19.43 3.40
N GLY A 70 15.37 19.86 4.05
CA GLY A 70 16.04 19.02 5.01
C GLY A 70 16.68 17.79 4.42
N MET A 71 17.04 17.82 3.13
CA MET A 71 17.63 16.66 2.50
C MET A 71 18.94 16.27 3.16
N ARG A 72 19.83 17.24 3.37
CA ARG A 72 21.08 17.01 4.09
C ARG A 72 21.86 15.87 3.47
N ILE A 73 22.70 16.17 2.49
CA ILE A 73 23.50 15.15 1.80
C ILE A 73 24.77 14.89 2.60
N GLY A 74 25.01 13.63 2.93
CA GLY A 74 26.19 13.24 3.67
C GLY A 74 26.21 13.77 5.09
N PRO A 75 25.26 13.31 5.91
CA PRO A 75 25.14 13.85 7.27
C PRO A 75 25.83 12.99 8.31
N GLU A 76 25.84 13.43 9.56
CA GLU A 76 26.31 12.61 10.65
C GLU A 76 25.27 11.54 10.98
N PRO A 77 25.71 10.33 11.37
CA PRO A 77 24.74 9.28 11.70
C PRO A 77 23.70 9.70 12.73
N THR A 78 24.11 10.42 13.78
CA THR A 78 23.16 10.83 14.80
C THR A 78 22.10 11.76 14.23
N THR A 79 22.50 12.66 13.32
CA THR A 79 21.56 13.59 12.72
C THR A 79 20.74 12.95 11.59
N ASP A 80 21.25 11.89 10.98
CA ASP A 80 20.51 11.21 9.91
C ASP A 80 19.19 10.68 10.45
N SER A 81 18.13 10.82 9.64
CA SER A 81 16.78 10.57 10.14
C SER A 81 15.86 10.12 9.00
N PHE A 82 14.73 9.55 9.39
CA PHE A 82 13.67 9.25 8.45
C PHE A 82 13.09 10.54 7.88
N ILE A 83 12.70 10.50 6.60
CA ILE A 83 12.06 11.64 5.95
C ILE A 83 10.98 11.12 5.02
N ALA A 84 9.76 11.63 5.20
CA ALA A 84 8.64 11.31 4.32
C ALA A 84 8.50 12.44 3.31
N VAL A 85 8.88 12.17 2.07
CA VAL A 85 8.81 13.17 1.00
C VAL A 85 7.48 13.01 0.30
N MET A 86 6.64 14.03 0.40
CA MET A 86 5.28 14.00 -0.14
C MET A 86 4.99 15.32 -0.82
N TYR A 87 3.98 15.32 -1.68
CA TYR A 87 3.61 16.52 -2.42
C TYR A 87 3.12 17.61 -1.47
N GLY A 88 3.32 18.86 -1.88
CA GLY A 88 2.84 19.99 -1.12
C GLY A 88 2.74 21.22 -2.00
N GLU A 89 1.78 22.09 -1.68
CA GLU A 89 1.61 23.32 -2.44
C GLU A 89 2.86 24.17 -2.40
N THR A 90 3.48 24.29 -1.23
CA THR A 90 4.67 25.11 -1.04
C THR A 90 5.76 24.28 -0.36
N GLU A 91 7.00 24.63 -0.66
CA GLU A 91 8.16 23.92 -0.09
C GLU A 91 8.22 24.19 1.41
N GLY A 92 7.75 23.23 2.20
CA GLY A 92 7.80 23.31 3.64
C GLY A 92 8.17 21.96 4.25
N SER A 93 8.21 21.93 5.57
CA SER A 93 8.54 20.71 6.28
C SER A 93 7.74 20.66 7.58
N THR A 94 7.59 19.44 8.11
CA THR A 94 6.75 19.19 9.28
C THR A 94 7.44 18.22 10.23
N PRO A 95 7.78 18.63 11.45
CA PRO A 95 8.44 17.69 12.38
C PRO A 95 7.53 16.50 12.71
N GLY A 96 8.17 15.38 13.03
CA GLY A 96 7.45 14.15 13.30
C GLY A 96 6.58 14.20 14.54
N ASN A 97 6.86 15.11 15.47
CA ASN A 97 6.03 15.22 16.66
C ASN A 97 4.64 15.73 16.33
N ALA A 98 4.50 16.52 15.26
CA ALA A 98 3.20 16.98 14.81
C ALA A 98 2.64 16.15 13.67
N LEU A 99 3.50 15.56 12.84
CA LEU A 99 3.05 14.71 11.75
C LEU A 99 2.28 13.50 12.26
N VAL A 100 2.67 12.97 13.41
CA VAL A 100 1.98 11.81 13.98
C VAL A 100 0.53 12.14 14.30
N VAL A 101 0.23 13.41 14.57
CA VAL A 101 -1.12 13.78 14.96
C VAL A 101 -2.02 13.99 13.75
N ASP A 102 -1.44 14.21 12.57
CA ASP A 102 -2.20 14.56 11.38
C ASP A 102 -3.16 13.43 11.00
N PRO A 103 -4.47 13.61 11.11
CA PRO A 103 -5.39 12.55 10.71
C PRO A 103 -5.42 12.30 9.21
N LYS A 104 -5.00 13.27 8.40
CA LYS A 104 -4.93 13.13 6.95
C LYS A 104 -3.62 12.50 6.49
N LYS A 105 -2.91 11.82 7.39
CA LYS A 105 -1.64 11.19 7.07
C LYS A 105 -1.67 9.75 7.55
N PRO A 106 -1.00 8.84 6.83
CA PRO A 106 -0.93 7.44 7.27
C PRO A 106 0.10 7.17 8.35
N PHE A 107 0.68 8.22 8.95
CA PHE A 107 1.73 8.08 9.95
C PHE A 107 1.20 8.21 11.37
N ARG A 108 -0.12 8.13 11.55
CA ARG A 108 -0.70 8.34 12.87
C ARG A 108 -0.38 7.20 13.83
N LYS A 109 -0.23 5.97 13.30
CA LYS A 109 0.11 4.84 14.15
C LYS A 109 1.56 4.84 14.58
N LEU A 110 2.45 5.53 13.86
CA LEU A 110 3.84 5.62 14.27
C LEU A 110 4.03 6.23 15.64
N SER A 111 2.99 6.87 16.19
CA SER A 111 3.10 7.47 17.51
C SER A 111 3.52 6.46 18.58
N ARG A 112 3.34 5.17 18.33
CA ARG A 112 3.65 4.16 19.35
C ARG A 112 5.14 4.08 19.66
N PHE A 113 6.00 4.54 18.75
CA PHE A 113 7.43 4.55 19.03
C PHE A 113 7.82 5.78 19.84
N GLY A 114 7.41 6.96 19.39
CA GLY A 114 7.44 8.16 20.21
C GLY A 114 8.80 8.73 20.52
N ASN A 115 8.79 10.01 20.91
CA ASN A 115 9.97 10.74 21.37
C ASN A 115 11.20 10.50 20.50
N ALA A 116 12.02 9.50 20.83
CA ALA A 116 13.32 9.36 20.18
C ALA A 116 13.19 9.16 18.68
N PHE A 117 12.12 8.50 18.24
CA PHE A 117 11.89 8.34 16.81
C PHE A 117 11.29 9.60 16.19
N LEU A 118 10.35 10.24 16.90
CA LEU A 118 9.74 11.45 16.37
C LEU A 118 10.74 12.57 16.20
N ASN A 119 11.73 12.65 17.09
CA ASN A 119 12.84 13.58 16.91
C ASN A 119 13.72 13.19 15.73
N ARG A 120 13.48 12.02 15.12
CA ARG A 120 14.20 11.57 13.94
C ARG A 120 13.25 11.29 12.77
N PHE A 121 12.16 12.05 12.70
CA PHE A 121 11.16 11.84 11.67
C PHE A 121 10.54 13.17 11.29
N MET A 122 10.36 13.37 9.99
CA MET A 122 9.79 14.62 9.49
C MET A 122 9.18 14.37 8.12
N CYS A 123 8.32 15.28 7.70
CA CYS A 123 7.70 15.25 6.38
C CYS A 123 8.15 16.48 5.61
N SER A 124 9.02 16.28 4.63
CA SER A 124 9.42 17.35 3.73
C SER A 124 8.45 17.38 2.55
N GLN A 125 7.84 18.53 2.31
CA GLN A 125 6.82 18.69 1.29
C GLN A 125 7.27 19.72 0.27
N LEU A 126 6.94 19.47 -0.99
CA LEU A 126 7.32 20.38 -2.06
C LEU A 126 6.50 20.08 -3.29
N PRO A 127 6.13 21.10 -4.09
CA PRO A 127 5.43 20.82 -5.36
C PRO A 127 6.36 20.21 -6.39
N ASN A 128 6.13 18.95 -6.74
CA ASN A 128 7.01 18.23 -7.66
C ASN A 128 6.17 17.24 -8.46
N GLN A 129 6.51 17.09 -9.74
CA GLN A 129 5.76 16.18 -10.60
C GLN A 129 5.74 14.77 -10.04
N VAL A 130 6.91 14.29 -9.61
CA VAL A 130 7.01 12.92 -9.11
C VAL A 130 6.08 12.71 -7.93
N LEU A 131 5.96 13.72 -7.07
CA LEU A 131 5.20 13.58 -5.84
C LEU A 131 3.69 13.62 -6.05
N LYS A 132 3.23 14.10 -7.19
CA LYS A 132 1.81 14.02 -7.51
C LYS A 132 1.34 12.60 -7.76
N SER A 133 2.26 11.66 -7.90
CA SER A 133 1.94 10.28 -8.25
C SER A 133 2.40 9.27 -7.20
N ILE A 134 3.43 9.57 -6.42
CA ILE A 134 3.97 8.66 -5.43
C ILE A 134 4.60 9.49 -4.30
N SER A 135 4.88 8.83 -3.19
CA SER A 135 5.65 9.40 -2.10
C SER A 135 6.86 8.52 -1.83
N ILE A 136 7.92 9.13 -1.30
CA ILE A 136 9.17 8.44 -1.05
C ILE A 136 9.53 8.60 0.42
N ILE A 137 10.05 7.54 1.02
CA ILE A 137 10.41 7.52 2.43
C ILE A 137 11.88 7.14 2.53
N ASP A 138 12.72 8.14 2.84
CA ASP A 138 14.14 7.91 3.03
C ASP A 138 14.38 7.48 4.46
N SER A 139 15.13 6.39 4.63
CA SER A 139 15.46 5.89 5.96
C SER A 139 16.88 6.27 6.33
N PRO A 140 17.21 6.27 7.62
CA PRO A 140 18.59 6.56 8.01
C PRO A 140 19.55 5.51 7.48
N GLY A 141 20.73 5.96 7.06
CA GLY A 141 21.75 5.06 6.57
C GLY A 141 22.15 4.06 7.64
N ILE A 142 22.11 2.77 7.30
CA ILE A 142 22.50 1.74 8.24
C ILE A 142 24.00 1.79 8.43
N LEU A 143 24.45 1.70 9.68
CA LEU A 143 25.84 1.90 10.03
C LEU A 143 26.65 0.62 9.82
N ILE A 150 26.04 4.52 17.96
CA ILE A 150 25.89 3.19 17.38
C ILE A 150 24.52 2.63 17.77
N SER A 151 24.00 3.08 18.90
CA SER A 151 22.73 2.62 19.44
C SER A 151 21.74 3.78 19.45
N ARG A 152 20.70 3.69 18.64
CA ARG A 152 19.70 4.74 18.54
C ARG A 152 18.84 4.74 19.79
N GLY A 153 17.73 5.48 19.75
CA GLY A 153 16.78 5.52 20.83
C GLY A 153 15.45 4.86 20.53
N TYR A 154 15.35 4.09 19.46
CA TYR A 154 14.11 3.45 19.06
C TYR A 154 14.46 2.16 18.33
N ASP A 155 13.50 1.22 18.30
CA ASP A 155 13.72 -0.04 17.61
C ASP A 155 13.80 0.24 16.11
N PHE A 156 15.03 0.34 15.61
CA PHE A 156 15.24 0.70 14.21
C PHE A 156 14.69 -0.35 13.27
N CYS A 157 14.71 -1.62 13.67
CA CYS A 157 14.23 -2.68 12.80
C CYS A 157 12.71 -2.67 12.69
N GLN A 158 12.01 -2.49 13.82
CA GLN A 158 10.55 -2.53 13.78
C GLN A 158 9.97 -1.36 13.01
N VAL A 159 10.62 -0.20 13.04
CA VAL A 159 10.13 0.95 12.29
C VAL A 159 10.34 0.74 10.79
N LEU A 160 11.47 0.14 10.41
CA LEU A 160 11.63 -0.29 9.02
C LEU A 160 10.58 -1.33 8.68
N GLN A 161 10.37 -2.31 9.56
CA GLN A 161 9.36 -3.33 9.32
C GLN A 161 7.96 -2.72 9.28
N TRP A 162 7.76 -1.60 9.98
CA TRP A 162 6.46 -0.95 9.98
C TRP A 162 6.15 -0.33 8.61
N PHE A 163 7.11 0.41 8.06
CA PHE A 163 6.93 0.97 6.73
C PHE A 163 6.78 -0.12 5.68
N ALA A 164 7.58 -1.18 5.79
CA ALA A 164 7.62 -2.20 4.75
C ALA A 164 6.24 -2.81 4.49
N GLU A 165 5.37 -2.84 5.52
CA GLU A 165 4.07 -3.47 5.38
C GLU A 165 3.07 -2.57 4.65
N ARG A 166 3.21 -1.26 4.80
CA ARG A 166 2.26 -0.30 4.22
C ARG A 166 2.81 0.36 2.96
N VAL A 167 4.01 0.00 2.55
CA VAL A 167 4.66 0.59 1.38
C VAL A 167 4.43 -0.32 0.18
N ASP A 168 4.38 0.29 -1.00
CA ASP A 168 4.14 -0.47 -2.24
C ASP A 168 5.42 -0.99 -2.86
N ARG A 169 6.55 -0.33 -2.63
CA ARG A 169 7.82 -0.71 -3.24
C ARG A 169 8.93 -0.45 -2.24
N ILE A 170 9.77 -1.46 -2.03
CA ILE A 170 10.93 -1.35 -1.15
C ILE A 170 12.18 -1.47 -2.02
N ILE A 171 13.06 -0.47 -1.94
CA ILE A 171 14.27 -0.45 -2.74
C ILE A 171 15.46 -0.63 -1.81
N LEU A 172 16.11 -1.80 -1.90
CA LEU A 172 17.39 -2.02 -1.24
C LEU A 172 18.50 -1.41 -2.09
N LEU A 173 19.34 -0.59 -1.47
CA LEU A 173 20.39 0.11 -2.18
C LEU A 173 21.75 -0.35 -1.68
N PHE A 174 22.63 -0.71 -2.63
CA PHE A 174 24.02 -1.01 -2.36
C PHE A 174 24.86 -0.21 -3.34
N ASP A 175 26.12 0.05 -2.96
CA ASP A 175 27.03 0.79 -3.82
C ASP A 175 28.20 -0.12 -4.20
N ALA A 176 28.52 -0.15 -5.50
CA ALA A 176 29.56 -1.04 -5.99
C ALA A 176 30.93 -0.68 -5.42
N HIS A 177 31.18 0.60 -5.18
CA HIS A 177 32.48 1.03 -4.69
C HIS A 177 32.81 0.46 -3.33
N LYS A 178 31.81 -0.01 -2.58
CA LYS A 178 32.04 -0.53 -1.24
C LYS A 178 30.86 -1.36 -0.76
N LEU A 179 30.62 -2.49 -1.41
CA LEU A 179 29.59 -3.43 -0.97
C LEU A 179 30.05 -4.09 0.32
N ASP A 180 29.43 -3.73 1.44
CA ASP A 180 29.78 -4.29 2.74
C ASP A 180 28.49 -4.66 3.50
N ILE A 181 27.75 -5.60 2.93
CA ILE A 181 26.50 -6.09 3.53
C ILE A 181 26.79 -6.50 4.97
N SER A 182 26.15 -5.81 5.91
CA SER A 182 26.41 -6.01 7.33
C SER A 182 25.31 -6.87 7.95
N ASP A 183 25.50 -7.18 9.23
CA ASP A 183 24.51 -7.99 9.95
C ASP A 183 23.24 -7.19 10.24
N GLU A 184 23.39 -5.92 10.60
CA GLU A 184 22.22 -5.07 10.79
C GLU A 184 21.41 -4.97 9.51
N PHE A 185 22.08 -4.84 8.37
CA PHE A 185 21.37 -4.80 7.10
C PHE A 185 20.74 -6.15 6.78
N SER A 186 21.46 -7.24 7.01
CA SER A 186 20.90 -8.57 6.80
C SER A 186 19.67 -8.79 7.68
N GLU A 187 19.76 -8.40 8.96
CA GLU A 187 18.62 -8.52 9.85
C GLU A 187 17.41 -7.77 9.32
N ALA A 188 17.63 -6.58 8.76
CA ALA A 188 16.53 -5.82 8.17
C ALA A 188 15.90 -6.56 7.01
N ILE A 189 16.72 -7.01 6.06
CA ILE A 189 16.20 -7.71 4.88
C ILE A 189 15.41 -8.94 5.29
N LYS A 190 15.84 -9.63 6.35
CA LYS A 190 15.10 -10.79 6.83
C LYS A 190 13.73 -10.37 7.36
N ALA A 191 13.66 -9.19 8.01
CA ALA A 191 12.37 -8.70 8.48
C ALA A 191 11.43 -8.40 7.33
N PHE A 192 11.97 -8.05 6.16
CA PHE A 192 11.16 -7.76 4.99
C PHE A 192 10.62 -9.01 4.32
N ARG A 193 11.10 -10.20 4.70
CA ARG A 193 10.61 -11.43 4.10
C ARG A 193 9.11 -11.54 4.30
N GLY A 194 8.45 -12.24 3.38
CA GLY A 194 7.00 -12.27 3.34
C GLY A 194 6.38 -11.15 2.53
N GLN A 195 7.21 -10.27 1.95
CA GLN A 195 6.74 -9.21 1.07
C GLN A 195 7.72 -9.01 -0.08
N ASP A 196 8.36 -10.10 -0.51
CA ASP A 196 9.40 -10.02 -1.52
C ASP A 196 8.89 -9.38 -2.80
N ASP A 197 7.60 -9.56 -3.11
CA ASP A 197 7.00 -8.97 -4.29
C ASP A 197 7.09 -7.45 -4.30
N LYS A 198 7.41 -6.82 -3.16
CA LYS A 198 7.58 -5.38 -3.09
C LYS A 198 9.03 -4.95 -3.29
N ILE A 199 9.98 -5.87 -3.17
CA ILE A 199 11.39 -5.50 -3.08
C ILE A 199 11.99 -5.35 -4.46
N ARG A 200 12.84 -4.35 -4.61
CA ARG A 200 13.70 -4.17 -5.76
C ARG A 200 15.05 -3.72 -5.24
N VAL A 201 16.11 -4.05 -5.98
CA VAL A 201 17.46 -3.71 -5.57
C VAL A 201 18.02 -2.69 -6.54
N VAL A 202 18.95 -1.89 -6.05
CA VAL A 202 19.67 -0.90 -6.84
C VAL A 202 21.15 -1.04 -6.52
N LEU A 203 21.94 -1.41 -7.52
CA LEU A 203 23.39 -1.43 -7.38
C LEU A 203 23.92 -0.09 -7.87
N ASN A 204 24.27 0.78 -6.92
CA ASN A 204 24.58 2.17 -7.20
C ASN A 204 26.09 2.37 -7.36
N LYS A 205 26.44 3.53 -7.91
CA LYS A 205 27.84 3.90 -8.11
C LYS A 205 28.57 2.90 -9.01
N ALA A 206 27.83 2.23 -9.90
CA ALA A 206 28.40 1.15 -10.69
C ALA A 206 29.48 1.62 -11.65
N ASP A 207 29.60 2.93 -11.89
CA ASP A 207 30.62 3.45 -12.78
C ASP A 207 31.93 3.78 -12.07
N GLN A 208 31.97 3.66 -10.74
CA GLN A 208 33.18 3.96 -10.00
C GLN A 208 34.21 2.85 -10.08
N VAL A 209 33.78 1.61 -10.32
CA VAL A 209 34.68 0.48 -10.40
C VAL A 209 34.90 0.12 -11.86
N ASP A 210 35.90 -0.72 -12.12
CA ASP A 210 36.10 -1.22 -13.46
C ASP A 210 35.13 -2.39 -13.72
N THR A 211 34.99 -2.75 -15.00
CA THR A 211 33.95 -3.68 -15.39
C THR A 211 34.08 -5.01 -14.64
N GLN A 212 35.31 -5.51 -14.49
CA GLN A 212 35.49 -6.79 -13.82
C GLN A 212 35.06 -6.70 -12.35
N GLN A 213 35.50 -5.66 -11.65
CA GLN A 213 35.11 -5.50 -10.26
C GLN A 213 33.60 -5.36 -10.12
N LEU A 214 32.94 -4.77 -11.12
CA LEU A 214 31.49 -4.67 -11.09
C LEU A 214 30.86 -6.06 -11.11
N MET A 215 31.43 -6.98 -11.89
CA MET A 215 30.91 -8.35 -11.92
C MET A 215 31.24 -9.10 -10.64
N ARG A 216 32.35 -8.76 -10.00
CA ARG A 216 32.68 -9.36 -8.71
C ARG A 216 31.73 -8.90 -7.63
N VAL A 217 31.52 -7.59 -7.52
CA VAL A 217 30.63 -7.05 -6.51
C VAL A 217 29.19 -7.49 -6.77
N TYR A 218 28.71 -7.28 -8.00
CA TYR A 218 27.36 -7.70 -8.34
C TYR A 218 27.14 -9.17 -8.05
N GLY A 219 28.16 -10.00 -8.32
CA GLY A 219 28.03 -11.42 -8.01
C GLY A 219 27.94 -11.68 -6.53
N ALA A 220 28.76 -10.98 -5.73
CA ALA A 220 28.71 -11.13 -4.29
C ALA A 220 27.36 -10.68 -3.74
N LEU A 221 26.81 -9.60 -4.28
CA LEU A 221 25.52 -9.09 -3.82
C LEU A 221 24.43 -10.15 -3.98
N MET A 222 24.33 -10.74 -5.18
CA MET A 222 23.31 -11.76 -5.42
C MET A 222 23.63 -13.05 -4.68
N TRP A 223 24.91 -13.37 -4.53
CA TRP A 223 25.30 -14.56 -3.78
C TRP A 223 24.76 -14.50 -2.36
N SER A 224 25.05 -13.41 -1.63
CA SER A 224 24.63 -13.27 -0.25
C SER A 224 23.18 -12.83 -0.11
N LEU A 225 22.53 -12.42 -1.20
CA LEU A 225 21.11 -12.08 -1.12
C LEU A 225 20.25 -13.34 -1.09
N GLY A 226 20.34 -14.16 -2.14
CA GLY A 226 19.65 -15.43 -2.11
C GLY A 226 20.00 -16.26 -0.88
N LYS A 227 21.24 -16.14 -0.41
CA LYS A 227 21.63 -16.81 0.82
C LYS A 227 20.82 -16.33 2.01
N VAL A 228 20.31 -15.09 1.95
CA VAL A 228 19.51 -14.52 3.03
C VAL A 228 18.04 -14.77 2.76
N ILE A 229 17.53 -14.23 1.65
CA ILE A 229 16.10 -14.24 1.40
C ILE A 229 15.58 -15.66 1.21
N ASN A 230 16.40 -16.57 0.68
CA ASN A 230 16.08 -17.99 0.61
C ASN A 230 14.78 -18.24 -0.15
N THR A 231 14.66 -17.66 -1.34
CA THR A 231 13.48 -17.89 -2.15
C THR A 231 13.89 -18.20 -3.59
N PRO A 232 13.17 -19.11 -4.27
CA PRO A 232 13.52 -19.40 -5.67
C PRO A 232 13.37 -18.21 -6.59
N GLU A 233 12.46 -17.29 -6.29
CA GLU A 233 12.22 -16.12 -7.13
C GLU A 233 13.36 -15.13 -6.95
N VAL A 234 14.20 -15.01 -7.99
CA VAL A 234 15.39 -14.17 -7.91
C VAL A 234 15.00 -12.71 -8.07
N LEU A 235 15.48 -11.88 -7.15
CA LEU A 235 15.14 -10.46 -7.15
C LEU A 235 15.76 -9.74 -8.36
N ARG A 236 15.13 -8.63 -8.73
CA ARG A 236 15.64 -7.77 -9.79
C ARG A 236 16.59 -6.74 -9.18
N VAL A 237 17.76 -6.60 -9.80
CA VAL A 237 18.73 -5.58 -9.44
C VAL A 237 18.82 -4.59 -10.58
N TYR A 238 18.77 -3.30 -10.26
CA TYR A 238 19.00 -2.25 -11.23
C TYR A 238 20.42 -1.73 -11.02
N ILE A 239 21.27 -1.90 -12.05
CA ILE A 239 22.68 -1.53 -11.98
C ILE A 239 22.87 -0.20 -12.69
N GLY A 240 23.49 0.75 -12.00
CA GLY A 240 23.78 2.03 -12.62
C GLY A 240 24.30 3.02 -11.60
N SER A 241 24.51 4.24 -12.09
CA SER A 241 24.93 5.37 -11.27
C SER A 241 23.81 6.41 -11.32
N PHE A 242 23.05 6.52 -10.24
CA PHE A 242 21.80 7.28 -10.25
C PHE A 242 22.05 8.65 -9.63
N TRP A 243 22.57 9.55 -10.47
CA TRP A 243 22.65 10.97 -10.14
C TRP A 243 22.99 11.72 -11.43
N ALA A 244 23.00 13.05 -11.33
CA ALA A 244 23.12 13.91 -12.51
C ALA A 244 24.55 14.07 -13.00
N GLN A 245 25.54 13.53 -12.29
CA GLN A 245 26.92 13.76 -12.66
C GLN A 245 27.31 12.94 -13.89
N PRO A 246 28.42 13.30 -14.54
CA PRO A 246 28.92 12.46 -15.64
C PRO A 246 29.41 11.12 -15.14
N LEU A 247 29.51 10.17 -16.07
CA LEU A 247 30.02 8.85 -15.76
C LEU A 247 31.55 8.89 -15.64
N GLN A 248 32.09 7.98 -14.83
CA GLN A 248 33.53 7.80 -14.73
C GLN A 248 33.98 6.70 -15.69
N ASN A 249 33.62 5.45 -15.39
CA ASN A 249 33.91 4.33 -16.28
C ASN A 249 32.76 4.21 -17.28
N THR A 250 33.02 4.57 -18.53
CA THR A 250 31.99 4.65 -19.55
C THR A 250 31.81 3.35 -20.32
N ASP A 251 32.56 2.29 -19.99
CA ASP A 251 32.47 1.05 -20.75
C ASP A 251 31.07 0.44 -20.70
N ASN A 252 30.28 0.78 -19.68
CA ASN A 252 28.95 0.20 -19.49
C ASN A 252 27.86 1.25 -19.62
N ARG A 253 28.10 2.28 -20.44
CA ARG A 253 27.14 3.37 -20.56
C ARG A 253 25.78 2.87 -21.04
N ARG A 254 25.76 2.09 -22.11
CA ARG A 254 24.49 1.56 -22.62
C ARG A 254 23.76 0.77 -21.55
N LEU A 255 24.50 0.01 -20.73
CA LEU A 255 23.87 -0.81 -19.71
C LEU A 255 23.22 0.05 -18.64
N PHE A 256 23.97 1.02 -18.09
CA PHE A 256 23.45 1.83 -17.00
C PHE A 256 22.22 2.61 -17.42
N GLU A 257 22.20 3.11 -18.66
CA GLU A 257 21.04 3.86 -19.14
C GLU A 257 19.83 2.96 -19.27
N ALA A 258 20.00 1.75 -19.80
CA ALA A 258 18.88 0.82 -19.92
C ALA A 258 18.35 0.42 -18.56
N GLU A 259 19.25 0.23 -17.59
CA GLU A 259 18.82 -0.15 -16.24
C GLU A 259 18.09 0.99 -15.55
N ALA A 260 18.50 2.23 -15.81
CA ALA A 260 17.79 3.37 -15.25
C ALA A 260 16.39 3.50 -15.81
N GLN A 261 16.22 3.18 -17.11
CA GLN A 261 14.89 3.22 -17.70
C GLN A 261 14.00 2.12 -17.14
N ASP A 262 14.53 0.91 -16.98
CA ASP A 262 13.75 -0.15 -16.34
C ASP A 262 13.30 0.27 -14.95
N LEU A 263 14.14 1.02 -14.23
CA LEU A 263 13.77 1.51 -12.91
C LEU A 263 12.72 2.61 -12.98
N PHE A 264 12.89 3.55 -13.90
CA PHE A 264 11.88 4.60 -14.08
C PHE A 264 10.53 3.99 -14.45
N ARG A 265 10.52 3.01 -15.34
CA ARG A 265 9.27 2.38 -15.74
C ARG A 265 8.61 1.66 -14.57
N ASP A 266 9.42 1.07 -13.68
CA ASP A 266 8.87 0.38 -12.52
C ASP A 266 8.21 1.37 -11.57
N ILE A 267 8.91 2.45 -11.24
CA ILE A 267 8.35 3.46 -10.35
C ILE A 267 7.13 4.11 -10.98
N GLN A 268 7.22 4.45 -12.25
CA GLN A 268 6.11 5.11 -12.93
C GLN A 268 4.91 4.20 -13.08
N SER A 269 5.09 2.89 -12.91
CA SER A 269 3.97 1.95 -12.99
C SER A 269 3.23 1.83 -11.67
N LEU A 270 3.85 2.19 -10.55
CA LEU A 270 3.23 2.03 -9.24
C LEU A 270 1.85 2.66 -9.14
N PRO A 271 1.63 3.93 -9.49
CA PRO A 271 0.28 4.48 -9.34
C PRO A 271 -0.77 3.72 -10.14
N GLN A 272 -0.44 3.30 -11.36
CA GLN A 272 -1.38 2.48 -12.12
C GLN A 272 -1.61 1.13 -11.44
N LYS A 273 -0.58 0.59 -10.80
CA LYS A 273 -0.74 -0.66 -10.07
C LYS A 273 -1.64 -0.50 -8.86
N ALA A 274 -1.61 0.67 -8.22
CA ALA A 274 -2.48 0.92 -7.08
C ALA A 274 -3.92 1.15 -7.53
N ALA A 275 -4.10 1.83 -8.66
CA ALA A 275 -5.45 2.03 -9.19
C ALA A 275 -6.14 0.69 -9.46
N VAL A 276 -5.37 -0.30 -9.93
CA VAL A 276 -5.93 -1.63 -10.14
C VAL A 276 -6.30 -2.28 -8.81
N ARG A 277 -5.45 -2.13 -7.80
CA ARG A 277 -5.73 -2.74 -6.51
C ARG A 277 -6.95 -2.11 -5.86
N LYS A 278 -7.05 -0.77 -5.90
CA LYS A 278 -8.24 -0.11 -5.39
C LYS A 278 -9.48 -0.54 -6.14
N LEU A 279 -9.39 -0.67 -7.46
CA LEU A 279 -10.54 -1.07 -8.26
C LEU A 279 -11.00 -2.48 -7.87
N ASN A 280 -10.06 -3.38 -7.60
CA ASN A 280 -10.45 -4.72 -7.17
C ASN A 280 -11.06 -4.71 -5.78
N ASP A 281 -10.55 -3.85 -4.89
CA ASP A 281 -11.13 -3.74 -3.55
C ASP A 281 -12.57 -3.25 -3.63
N LEU A 282 -12.84 -2.26 -4.47
CA LEU A 282 -14.20 -1.75 -4.62
C LEU A 282 -15.14 -2.83 -5.15
N ILE A 283 -14.63 -3.68 -6.05
CA ILE A 283 -15.45 -4.77 -6.56
C ILE A 283 -15.73 -5.80 -5.48
N LYS A 284 -14.72 -6.12 -4.67
CA LYS A 284 -14.91 -7.11 -3.62
C LYS A 284 -15.81 -6.58 -2.52
N ARG A 285 -15.66 -5.30 -2.15
CA ARG A 285 -16.59 -4.71 -1.21
C ARG A 285 -18.01 -4.70 -1.76
N ALA A 286 -18.17 -4.35 -3.04
CA ALA A 286 -19.50 -4.36 -3.65
C ALA A 286 -20.13 -5.74 -3.59
N ARG A 287 -19.35 -6.78 -3.89
CA ARG A 287 -19.88 -8.14 -3.83
C ARG A 287 -20.25 -8.53 -2.40
N LEU A 288 -19.50 -8.04 -1.42
CA LEU A 288 -19.81 -8.36 -0.03
C LEU A 288 -21.06 -7.65 0.44
N ALA A 289 -21.32 -6.45 -0.07
CA ALA A 289 -22.52 -5.72 0.32
C ALA A 289 -23.77 -6.38 -0.24
N LYS A 290 -23.69 -6.95 -1.45
CA LYS A 290 -24.81 -7.72 -1.99
C LYS A 290 -25.14 -8.89 -1.08
N VAL A 291 -24.13 -9.71 -0.76
CA VAL A 291 -24.37 -10.88 0.09
C VAL A 291 -24.98 -10.45 1.42
N HIS A 292 -24.36 -9.46 2.07
CA HIS A 292 -24.90 -8.95 3.33
C HIS A 292 -26.37 -8.54 3.17
N ALA A 293 -26.70 -7.89 2.05
CA ALA A 293 -28.07 -7.47 1.82
C ALA A 293 -28.99 -8.66 1.66
N TYR A 294 -28.57 -9.66 0.87
CA TYR A 294 -29.38 -10.86 0.70
C TYR A 294 -29.61 -11.56 2.04
N ILE A 295 -28.63 -11.54 2.93
CA ILE A 295 -28.77 -12.20 4.22
C ILE A 295 -29.79 -11.46 5.08
N ILE A 296 -29.53 -10.18 5.37
CA ILE A 296 -30.44 -9.39 6.20
C ILE A 296 -31.85 -9.45 5.62
N SER A 297 -31.98 -9.39 4.30
CA SER A 297 -33.29 -9.42 3.67
C SER A 297 -34.00 -10.76 3.92
N TYR A 298 -33.24 -11.86 3.86
CA TYR A 298 -33.83 -13.17 4.11
C TYR A 298 -34.24 -13.33 5.56
N LEU A 299 -33.48 -12.75 6.49
CA LEU A 299 -33.87 -12.79 7.89
C LEU A 299 -35.14 -11.99 8.13
N LYS A 300 -35.25 -10.80 7.53
CA LYS A 300 -36.46 -10.02 7.62
C LYS A 300 -37.65 -10.77 7.02
N LYS A 301 -37.45 -11.37 5.84
CA LYS A 301 -38.55 -11.99 5.12
C LYS A 301 -39.16 -13.16 5.91
N GLU A 302 -38.35 -13.86 6.71
CA GLU A 302 -38.79 -15.06 7.38
C GLU A 302 -39.38 -14.80 8.76
N MET A 303 -39.40 -13.55 9.22
CA MET A 303 -39.96 -13.25 10.52
C MET A 303 -41.49 -13.34 10.48
N PRO A 304 -42.12 -13.59 11.61
CA PRO A 304 -43.58 -13.64 11.66
C PRO A 304 -44.20 -12.24 11.59
N ASN A 305 -45.50 -12.23 11.29
CA ASN A 305 -46.22 -10.97 11.17
C ASN A 305 -46.49 -10.32 12.52
N MET A 306 -46.50 -11.09 13.61
CA MET A 306 -46.81 -10.51 14.91
C MET A 306 -46.07 -11.20 16.06
N PHE A 307 -46.33 -12.47 16.28
CA PHE A 307 -45.88 -13.16 17.48
C PHE A 307 -44.87 -14.25 17.15
N GLY A 308 -44.14 -14.67 18.17
CA GLY A 308 -43.05 -15.62 17.98
C GLY A 308 -41.78 -15.00 17.47
N LYS A 309 -41.58 -13.71 17.71
CA LYS A 309 -40.45 -13.00 17.12
C LYS A 309 -39.13 -13.45 17.72
N GLU A 310 -39.00 -13.37 19.05
CA GLU A 310 -37.74 -13.75 19.69
C GLU A 310 -37.43 -15.22 19.45
N ASN A 311 -38.44 -16.08 19.33
CA ASN A 311 -38.20 -17.49 19.03
C ASN A 311 -37.71 -17.65 17.60
N LYS A 312 -38.37 -16.99 16.64
CA LYS A 312 -37.98 -17.13 15.25
C LYS A 312 -36.59 -16.55 15.01
N LYS A 313 -36.23 -15.48 15.73
CA LYS A 313 -34.90 -14.90 15.58
C LYS A 313 -33.82 -15.92 15.91
N ARG A 314 -34.06 -16.76 16.91
CA ARG A 314 -33.06 -17.75 17.30
C ARG A 314 -33.02 -18.94 16.36
N GLU A 315 -34.18 -19.34 15.80
CA GLU A 315 -34.18 -20.38 14.77
C GLU A 315 -33.32 -19.96 13.59
N LEU A 316 -33.47 -18.71 13.14
CA LEU A 316 -32.76 -18.25 11.96
C LEU A 316 -31.26 -18.19 12.22
N ILE A 317 -30.85 -17.78 13.42
CA ILE A 317 -29.42 -17.73 13.72
C ILE A 317 -28.84 -19.14 13.79
N TYR A 318 -29.56 -20.06 14.43
CA TYR A 318 -29.10 -21.45 14.48
C TYR A 318 -29.08 -22.07 13.09
N ARG A 319 -30.02 -21.69 12.23
CA ARG A 319 -30.12 -22.22 10.88
C ARG A 319 -29.27 -21.42 9.88
N LEU A 320 -28.50 -20.44 10.36
CA LEU A 320 -27.79 -19.56 9.44
C LEU A 320 -26.89 -20.30 8.46
N PRO A 321 -26.15 -21.35 8.85
CA PRO A 321 -25.38 -22.09 7.84
C PRO A 321 -26.24 -22.59 6.70
N GLU A 322 -27.41 -23.17 7.02
CA GLU A 322 -28.33 -23.59 5.97
C GLU A 322 -28.82 -22.41 5.14
N ILE A 323 -28.97 -21.24 5.77
CA ILE A 323 -29.42 -20.06 5.03
C ILE A 323 -28.42 -19.70 3.94
N TYR A 324 -27.13 -19.76 4.26
CA TYR A 324 -26.10 -19.47 3.27
C TYR A 324 -26.30 -20.31 2.01
N VAL A 325 -26.35 -21.63 2.16
CA VAL A 325 -26.56 -22.51 1.02
C VAL A 325 -27.86 -22.14 0.30
N GLN A 326 -28.90 -21.83 1.07
CA GLN A 326 -30.18 -21.44 0.47
C GLN A 326 -30.00 -20.23 -0.44
N LEU A 327 -29.16 -19.28 -0.06
CA LEU A 327 -28.94 -18.09 -0.87
C LEU A 327 -27.90 -18.33 -1.96
N GLN A 328 -26.91 -19.18 -1.69
CA GLN A 328 -25.93 -19.53 -2.72
C GLN A 328 -26.57 -20.20 -3.92
N ARG A 329 -27.74 -20.83 -3.73
CA ARG A 329 -28.37 -21.59 -4.79
C ARG A 329 -29.33 -20.75 -5.63
N GLU A 330 -30.14 -19.89 -4.99
CA GLU A 330 -31.12 -19.09 -5.72
C GLU A 330 -30.59 -17.71 -6.07
N TYR A 331 -29.27 -17.51 -6.01
CA TYR A 331 -28.67 -16.29 -6.52
C TYR A 331 -27.34 -16.54 -7.22
N GLN A 332 -26.93 -17.79 -7.38
CA GLN A 332 -25.70 -18.16 -8.09
C GLN A 332 -24.53 -17.28 -7.66
N ILE A 333 -24.27 -17.29 -6.36
CA ILE A 333 -23.18 -16.54 -5.77
C ILE A 333 -22.24 -17.51 -5.07
N SER A 334 -20.95 -17.16 -5.06
CA SER A 334 -19.94 -18.03 -4.49
C SER A 334 -19.96 -17.93 -2.96
N ALA A 335 -19.72 -19.07 -2.32
CA ALA A 335 -19.59 -19.09 -0.86
C ALA A 335 -18.34 -18.38 -0.38
N GLY A 336 -17.47 -17.92 -1.29
CA GLY A 336 -16.23 -17.30 -0.86
C GLY A 336 -16.43 -15.93 -0.27
N ASP A 337 -17.19 -15.06 -0.95
CA ASP A 337 -17.43 -13.72 -0.48
C ASP A 337 -18.61 -13.64 0.48
N PHE A 338 -18.88 -14.71 1.22
CA PHE A 338 -19.79 -14.70 2.36
C PHE A 338 -19.02 -14.40 3.64
N PRO A 339 -19.54 -13.57 4.54
CA PRO A 339 -18.84 -13.35 5.82
C PRO A 339 -18.81 -14.63 6.64
N GLU A 340 -17.90 -14.63 7.62
CA GLU A 340 -17.76 -15.80 8.49
C GLU A 340 -19.09 -16.11 9.16
N VAL A 341 -19.44 -17.39 9.20
CA VAL A 341 -20.74 -17.81 9.74
C VAL A 341 -20.85 -17.42 11.20
N LYS A 342 -19.90 -17.87 12.02
CA LYS A 342 -20.01 -17.71 13.47
C LYS A 342 -19.97 -16.24 13.87
N ALA A 343 -19.11 -15.44 13.23
CA ALA A 343 -19.02 -14.02 13.58
C ALA A 343 -20.33 -13.30 13.33
N MET A 344 -21.05 -13.68 12.27
CA MET A 344 -22.36 -13.11 12.01
C MET A 344 -23.34 -13.48 13.12
N GLN A 345 -23.47 -14.77 13.40
CA GLN A 345 -24.34 -15.23 14.49
C GLN A 345 -24.10 -14.42 15.76
N GLU A 346 -22.83 -14.19 16.10
CA GLU A 346 -22.51 -13.44 17.31
C GLU A 346 -23.04 -12.01 17.23
N GLN A 347 -22.98 -11.40 16.04
CA GLN A 347 -23.40 -10.01 15.90
C GLN A 347 -24.90 -9.86 15.70
N LEU A 348 -25.56 -10.87 15.11
CA LEU A 348 -26.99 -10.78 14.88
C LEU A 348 -27.80 -10.86 16.18
N GLU A 349 -27.17 -11.16 17.31
CA GLU A 349 -27.90 -11.20 18.58
C GLU A 349 -28.40 -9.82 18.96
N ASN A 350 -27.63 -8.77 18.66
CA ASN A 350 -27.92 -7.42 19.09
C ASN A 350 -28.91 -6.70 18.19
N TYR A 351 -29.66 -7.40 17.35
CA TYR A 351 -30.49 -6.76 16.33
C TYR A 351 -31.92 -7.28 16.39
N ASP A 352 -32.87 -6.37 16.17
CA ASP A 352 -34.28 -6.71 16.04
C ASP A 352 -34.54 -6.99 14.56
N PHE A 353 -34.66 -8.28 14.22
CA PHE A 353 -34.77 -8.66 12.81
C PHE A 353 -35.95 -8.00 12.13
N THR A 354 -36.99 -7.66 12.89
CA THR A 354 -38.14 -6.97 12.31
C THR A 354 -37.78 -5.56 11.82
N LYS A 355 -36.73 -4.96 12.36
CA LYS A 355 -36.33 -3.62 11.95
C LYS A 355 -35.60 -3.60 10.62
N PHE A 356 -34.98 -4.72 10.23
CA PHE A 356 -34.28 -4.79 8.96
C PHE A 356 -35.21 -4.37 7.83
N HIS A 357 -34.62 -3.87 6.74
CA HIS A 357 -35.37 -3.59 5.54
C HIS A 357 -35.56 -4.86 4.72
N SER A 358 -36.60 -4.88 3.91
CA SER A 358 -36.79 -5.93 2.94
C SER A 358 -35.87 -5.71 1.74
N LEU A 359 -35.81 -6.71 0.86
CA LEU A 359 -34.93 -6.64 -0.28
C LEU A 359 -35.34 -5.50 -1.21
N LYS A 360 -34.38 -4.70 -1.64
CA LYS A 360 -34.61 -3.56 -2.51
C LYS A 360 -33.98 -3.83 -3.88
N PRO A 361 -34.73 -4.34 -4.86
CA PRO A 361 -34.10 -4.65 -6.17
C PRO A 361 -33.45 -3.44 -6.80
N LYS A 362 -34.00 -2.25 -6.62
CA LYS A 362 -33.41 -1.04 -7.17
C LYS A 362 -31.96 -0.88 -6.73
N LEU A 363 -31.67 -1.14 -5.46
CA LEU A 363 -30.31 -0.93 -4.95
C LEU A 363 -29.36 -1.99 -5.44
N ILE A 364 -29.84 -3.20 -5.71
CA ILE A 364 -28.96 -4.25 -6.20
C ILE A 364 -28.68 -4.08 -7.69
N GLU A 365 -29.68 -3.64 -8.45
CA GLU A 365 -29.44 -3.35 -9.86
C GLU A 365 -28.46 -2.21 -10.04
N ALA A 366 -28.44 -1.26 -9.10
CA ALA A 366 -27.46 -0.17 -9.16
C ALA A 366 -26.04 -0.71 -9.02
N VAL A 367 -25.86 -1.77 -8.23
CA VAL A 367 -24.53 -2.35 -8.07
C VAL A 367 -24.20 -3.28 -9.24
N ASP A 368 -25.18 -4.00 -9.75
CA ASP A 368 -24.94 -4.93 -10.85
C ASP A 368 -24.54 -4.18 -12.13
N ASN A 369 -25.31 -3.17 -12.51
CA ASN A 369 -24.97 -2.40 -13.70
C ASN A 369 -23.66 -1.64 -13.53
N MET A 370 -23.21 -1.44 -12.30
CA MET A 370 -21.87 -0.92 -12.08
C MET A 370 -20.81 -1.95 -12.44
N LEU A 371 -20.97 -3.17 -11.92
CA LEU A 371 -19.97 -4.21 -12.13
C LEU A 371 -19.85 -4.62 -13.59
N THR A 372 -20.87 -4.36 -14.41
CA THR A 372 -20.87 -4.76 -15.81
C THR A 372 -20.47 -3.63 -16.75
N ASN A 373 -21.07 -2.45 -16.58
CA ASN A 373 -20.85 -1.34 -17.51
C ASN A 373 -19.83 -0.33 -17.02
N LYS A 374 -19.99 0.17 -15.78
CA LYS A 374 -19.21 1.32 -15.35
C LYS A 374 -17.74 0.97 -15.13
N ILE A 375 -17.41 -0.28 -14.82
CA ILE A 375 -16.03 -0.64 -14.52
C ILE A 375 -15.21 -0.83 -15.79
N SER A 376 -15.81 -1.44 -16.82
CA SER A 376 -15.07 -1.65 -18.06
C SER A 376 -14.48 -0.37 -18.59
N SER A 377 -15.16 0.76 -18.38
CA SER A 377 -14.62 2.06 -18.80
C SER A 377 -13.55 2.55 -17.84
N LEU A 378 -13.79 2.38 -16.54
CA LEU A 378 -12.81 2.84 -15.55
C LEU A 378 -11.47 2.15 -15.74
N MET A 379 -11.48 0.88 -16.13
CA MET A 379 -10.23 0.21 -16.45
C MET A 379 -9.56 0.84 -17.66
N GLY A 380 -10.34 1.15 -18.70
CA GLY A 380 -9.78 1.82 -19.86
C GLY A 380 -9.04 3.08 -19.49
N LEU A 381 -9.56 3.83 -18.52
CA LEU A 381 -8.85 5.02 -18.05
C LEU A 381 -7.52 4.65 -17.43
N ILE A 382 -7.39 3.41 -16.93
CA ILE A 382 -6.12 2.93 -16.40
C ILE A 382 -5.26 2.31 -17.48
N SER A 383 -5.85 1.84 -18.59
CA SER A 383 -5.05 1.30 -19.68
C SER A 383 -4.16 2.39 -20.28
N GLN A 384 -4.69 3.60 -20.42
CA GLN A 384 -3.92 4.75 -20.88
C GLN A 384 -3.30 5.40 -19.66
N GLU A 385 -2.14 4.89 -19.23
CA GLU A 385 -1.46 5.38 -18.05
C GLU A 385 -1.07 6.85 -18.22
PG AGS B . 21.31 9.72 3.47
S1G AGS B . 21.61 11.63 3.76
O2G AGS B . 19.77 9.54 3.57
O3G AGS B . 22.03 8.89 4.57
PB AGS B . 23.11 8.30 1.90
O1B AGS B . 22.59 6.91 1.75
O2B AGS B . 23.97 8.49 3.15
O3B AGS B . 21.88 9.31 2.07
PA AGS B . 24.20 10.13 0.11
O1A AGS B . 23.30 10.21 -1.13
O2A AGS B . 23.90 11.12 1.16
O3A AGS B . 24.09 8.65 0.68
O5' AGS B . 25.67 10.42 -0.34
C5' AGS B . 26.82 9.74 0.16
C4' AGS B . 27.97 10.14 -0.73
O4' AGS B . 27.90 9.38 -1.95
C3' AGS B . 28.00 11.62 -1.12
O3' AGS B . 29.27 12.19 -0.89
C2' AGS B . 27.63 11.61 -2.61
O2' AGS B . 28.33 12.62 -3.33
C1' AGS B . 28.06 10.22 -3.06
N9 AGS B . 27.27 9.67 -4.17
C8 AGS B . 25.90 9.62 -4.25
N7 AGS B . 25.46 9.06 -5.35
C5 AGS B . 26.61 8.74 -6.04
C6 AGS B . 26.84 8.13 -7.29
N6 AGS B . 25.86 7.72 -8.10
N1 AGS B . 28.12 7.95 -7.69
C2 AGS B . 29.10 8.36 -6.89
N3 AGS B . 29.02 8.95 -5.69
C4 AGS B . 27.75 9.11 -5.33
HOG2 AGS B . 19.37 10.20 3.13
H21 AGS B . 21.67 9.06 5.36
H5'1 AGS B . 26.69 8.79 0.13
H5'2 AGS B . 26.99 10.03 1.07
H4' AGS B . 28.80 9.93 -0.27
H3' AGS B . 27.32 12.10 -0.62
HO3' AGS B . 29.19 12.88 -0.33
H2' AGS B . 26.66 11.72 -2.73
HO2' AGS B . 27.76 13.16 -3.72
H1' AGS B . 29.00 10.26 -3.32
H8 AGS B . 25.32 9.95 -3.55
HN61 AGS B . 24.99 7.82 -7.85
HN62 AGS B . 26.05 7.33 -8.91
H2 AGS B . 30.00 8.21 -7.22
MG MG C . 19.31 10.07 1.38
#